data_2MNQ
#
_entry.id   2MNQ
#
_cell.length_a   1.000
_cell.length_b   1.000
_cell.length_c   1.000
_cell.angle_alpha   90.00
_cell.angle_beta   90.00
_cell.angle_gamma   90.00
#
_symmetry.space_group_name_H-M   'P 1'
#
_entity_poly.entity_id   1
_entity_poly.type   'polypeptide(L)'
_entity_poly.pdbx_seq_one_letter_code
;(ACE)SDAAVDTSSEITTKDLKEKKEVVEEAEN
;
_entity_poly.pdbx_strand_id   A
#
# COMPACT_ATOMS: atom_id res chain seq x y z
N SER A 2 -1.28 7.93 14.80
CA SER A 2 -1.25 7.22 13.54
C SER A 2 0.20 6.94 13.12
N ASP A 3 1.11 7.82 13.53
CA ASP A 3 2.52 7.66 13.21
C ASP A 3 3.04 6.33 13.73
N ALA A 4 2.56 5.93 14.89
CA ALA A 4 2.99 4.67 15.50
C ALA A 4 2.76 3.50 14.53
N ALA A 5 1.86 3.71 13.57
CA ALA A 5 1.55 2.68 12.60
C ALA A 5 2.83 2.08 12.02
N VAL A 6 3.96 2.77 12.25
CA VAL A 6 5.24 2.29 11.74
C VAL A 6 5.53 0.88 12.24
N ASP A 7 5.17 0.61 13.49
CA ASP A 7 5.39 -0.72 14.04
C ASP A 7 4.62 -1.73 13.22
N THR A 8 3.40 -1.34 12.84
CA THR A 8 2.56 -2.20 12.02
C THR A 8 3.23 -2.44 10.68
N SER A 9 3.92 -1.41 10.18
CA SER A 9 4.61 -1.51 8.90
C SER A 9 5.30 -2.86 8.76
N SER A 10 5.42 -3.55 9.89
CA SER A 10 6.07 -4.87 9.90
C SER A 10 5.43 -5.79 8.87
N GLU A 11 4.10 -5.75 8.79
CA GLU A 11 3.37 -6.59 7.85
C GLU A 11 3.63 -6.15 6.41
N ILE A 12 4.29 -5.01 6.26
CA ILE A 12 4.60 -4.49 4.93
C ILE A 12 3.32 -4.17 4.17
N THR A 13 2.76 -2.99 4.44
CA THR A 13 1.53 -2.57 3.77
C THR A 13 1.46 -1.05 3.69
N THR A 14 1.94 -0.38 4.72
CA THR A 14 1.93 1.07 4.73
C THR A 14 2.43 1.57 3.38
N LYS A 15 3.46 0.91 2.86
CA LYS A 15 4.03 1.26 1.58
C LYS A 15 3.12 0.81 0.44
N ASP A 16 2.48 -0.34 0.64
CA ASP A 16 1.59 -0.89 -0.37
C ASP A 16 0.53 0.14 -0.73
N LEU A 17 0.15 0.94 0.25
CA LEU A 17 -0.85 1.98 0.01
C LEU A 17 -0.40 2.83 -1.17
N LYS A 18 0.90 2.93 -1.34
CA LYS A 18 1.46 3.69 -2.45
C LYS A 18 1.19 2.97 -3.76
N GLU A 19 1.45 1.66 -3.76
CA GLU A 19 1.23 0.86 -4.94
C GLU A 19 -0.27 0.78 -5.24
N LYS A 20 -1.05 0.58 -4.18
CA LYS A 20 -2.51 0.51 -4.32
C LYS A 20 -3.02 1.79 -4.98
N LYS A 21 -2.39 2.91 -4.66
CA LYS A 21 -2.79 4.18 -5.26
C LYS A 21 -2.31 4.24 -6.69
N GLU A 22 -1.11 3.69 -6.93
CA GLU A 22 -0.53 3.69 -8.26
C GLU A 22 -1.36 2.83 -9.21
N VAL A 23 -1.78 1.65 -8.74
CA VAL A 23 -2.57 0.75 -9.58
C VAL A 23 -3.87 1.41 -10.00
N VAL A 24 -4.34 2.36 -9.20
CA VAL A 24 -5.59 3.05 -9.53
C VAL A 24 -5.63 3.39 -11.00
N GLU A 25 -4.46 3.61 -11.58
CA GLU A 25 -4.36 3.94 -13.00
C GLU A 25 -4.96 2.81 -13.82
N GLU A 26 -4.74 1.58 -13.37
CA GLU A 26 -5.27 0.41 -14.06
C GLU A 26 -6.79 0.52 -14.16
N ALA A 27 -7.35 1.43 -13.38
CA ALA A 27 -8.81 1.63 -13.39
C ALA A 27 -9.33 1.61 -14.82
N GLU A 28 -8.47 1.96 -15.76
CA GLU A 28 -8.85 1.96 -17.18
C GLU A 28 -9.04 0.54 -17.68
N ASN A 29 -8.91 -0.42 -16.77
CA ASN A 29 -9.06 -1.82 -17.13
C ASN A 29 -8.00 -2.24 -18.14
N SER A 2 2.79 -18.39 16.22
CA SER A 2 3.17 -17.02 15.87
C SER A 2 2.78 -16.71 14.43
N ASP A 3 2.57 -17.76 13.65
CA ASP A 3 2.20 -17.59 12.24
C ASP A 3 0.96 -16.72 12.13
N ALA A 4 0.03 -16.88 13.06
CA ALA A 4 -1.20 -16.10 13.06
C ALA A 4 -0.89 -14.62 13.15
N ALA A 5 0.24 -14.28 13.77
CA ALA A 5 0.65 -12.89 13.92
C ALA A 5 0.49 -12.16 12.59
N VAL A 6 0.75 -12.87 11.50
CA VAL A 6 0.63 -12.30 10.18
C VAL A 6 -0.59 -11.41 10.09
N ASP A 7 -1.63 -11.77 10.84
CA ASP A 7 -2.85 -10.97 10.84
C ASP A 7 -2.48 -9.54 11.19
N THR A 8 -1.57 -9.40 12.15
CA THR A 8 -1.10 -8.09 12.56
C THR A 8 -0.37 -7.44 11.39
N SER A 9 0.36 -8.26 10.63
CA SER A 9 1.12 -7.77 9.49
C SER A 9 0.21 -7.04 8.50
N SER A 10 -1.03 -7.51 8.38
CA SER A 10 -1.98 -6.90 7.47
C SER A 10 -2.13 -5.40 7.76
N GLU A 11 -2.18 -5.06 9.05
CA GLU A 11 -2.33 -3.67 9.45
C GLU A 11 -1.18 -2.82 8.90
N ILE A 12 -0.07 -3.48 8.60
CA ILE A 12 1.10 -2.78 8.07
C ILE A 12 1.10 -2.80 6.54
N THR A 13 0.82 -1.65 5.94
CA THR A 13 0.79 -1.55 4.48
C THR A 13 0.43 -0.14 4.03
N THR A 14 0.77 0.84 4.87
CA THR A 14 0.48 2.23 4.53
C THR A 14 1.33 2.67 3.34
N LYS A 15 2.64 2.42 3.45
CA LYS A 15 3.56 2.77 2.37
C LYS A 15 3.30 1.88 1.17
N ASP A 16 2.86 0.67 1.43
CA ASP A 16 2.55 -0.27 0.35
C ASP A 16 1.35 0.22 -0.42
N LEU A 17 0.48 0.93 0.29
CA LEU A 17 -0.72 1.47 -0.32
C LEU A 17 -0.34 2.30 -1.53
N LYS A 18 0.85 2.87 -1.49
CA LYS A 18 1.33 3.69 -2.61
C LYS A 18 1.41 2.85 -3.87
N GLU A 19 2.03 1.68 -3.76
CA GLU A 19 2.15 0.79 -4.89
C GLU A 19 0.77 0.30 -5.32
N LYS A 20 -0.04 -0.09 -4.34
CA LYS A 20 -1.38 -0.56 -4.62
C LYS A 20 -2.18 0.56 -5.27
N LYS A 21 -1.93 1.79 -4.85
CA LYS A 21 -2.63 2.94 -5.42
C LYS A 21 -2.24 3.11 -6.88
N GLU A 22 -0.95 2.93 -7.16
CA GLU A 22 -0.46 3.06 -8.53
C GLU A 22 -1.21 2.12 -9.46
N VAL A 23 -1.43 0.89 -8.99
CA VAL A 23 -2.15 -0.10 -9.78
C VAL A 23 -3.55 0.41 -10.11
N VAL A 24 -4.04 1.35 -9.30
CA VAL A 24 -5.37 1.91 -9.51
C VAL A 24 -5.52 2.40 -10.94
N GLU A 25 -4.40 2.71 -11.59
CA GLU A 25 -4.44 3.19 -12.97
C GLU A 25 -5.29 2.24 -13.81
N GLU A 26 -5.19 0.95 -13.52
CA GLU A 26 -5.95 -0.05 -14.25
C GLU A 26 -7.43 0.29 -14.18
N ALA A 27 -7.78 1.20 -13.26
CA ALA A 27 -9.17 1.62 -13.10
C ALA A 27 -9.66 2.28 -14.38
N GLU A 28 -8.73 2.83 -15.14
CA GLU A 28 -9.07 3.48 -16.41
C GLU A 28 -9.52 2.45 -17.43
N ASN A 29 -9.30 1.17 -17.11
CA ASN A 29 -9.69 0.09 -18.00
C ASN A 29 -9.43 -1.25 -17.35
N SER A 2 -1.44 -18.60 4.77
CA SER A 2 -0.61 -17.45 4.43
C SER A 2 -0.89 -16.29 5.38
N ASP A 3 -1.77 -16.53 6.35
CA ASP A 3 -2.13 -15.51 7.32
C ASP A 3 -0.89 -14.94 8.00
N ALA A 4 0.09 -15.80 8.26
CA ALA A 4 1.31 -15.36 8.91
C ALA A 4 2.02 -14.29 8.09
N ALA A 5 1.78 -14.30 6.79
CA ALA A 5 2.39 -13.32 5.90
C ALA A 5 2.08 -11.90 6.37
N VAL A 6 0.96 -11.75 7.06
CA VAL A 6 0.55 -10.44 7.56
C VAL A 6 1.62 -9.87 8.47
N ASP A 7 2.22 -10.72 9.30
CA ASP A 7 3.26 -10.27 10.20
C ASP A 7 4.40 -9.68 9.39
N THR A 8 4.73 -10.34 8.29
CA THR A 8 5.78 -9.88 7.40
C THR A 8 5.40 -8.52 6.83
N SER A 9 4.11 -8.36 6.53
CA SER A 9 3.60 -7.12 5.96
C SER A 9 4.13 -5.90 6.72
N SER A 10 4.51 -6.09 7.98
CA SER A 10 5.01 -4.98 8.78
C SER A 10 6.19 -4.31 8.09
N GLU A 11 7.07 -5.10 7.49
CA GLU A 11 8.23 -4.56 6.80
C GLU A 11 7.81 -3.78 5.56
N ILE A 12 6.56 -3.95 5.14
CA ILE A 12 6.05 -3.26 3.97
C ILE A 12 4.57 -2.92 4.13
N THR A 13 4.29 -1.68 4.48
CA THR A 13 2.91 -1.23 4.66
C THR A 13 2.75 0.19 4.14
N THR A 14 3.40 1.13 4.80
CA THR A 14 3.33 2.53 4.39
C THR A 14 3.59 2.64 2.90
N LYS A 15 4.58 1.90 2.42
CA LYS A 15 4.92 1.91 1.01
C LYS A 15 3.87 1.14 0.21
N ASP A 16 3.34 0.08 0.81
CA ASP A 16 2.33 -0.74 0.15
C ASP A 16 1.12 0.11 -0.18
N LEU A 17 0.87 1.12 0.64
CA LEU A 17 -0.26 2.00 0.43
C LEU A 17 -0.19 2.54 -0.99
N LYS A 18 1.04 2.65 -1.50
CA LYS A 18 1.24 3.15 -2.86
C LYS A 18 0.69 2.17 -3.88
N GLU A 19 0.74 0.88 -3.56
CA GLU A 19 0.22 -0.14 -4.45
C GLU A 19 -1.29 0.04 -4.63
N LYS A 20 -1.94 0.55 -3.60
CA LYS A 20 -3.38 0.78 -3.65
C LYS A 20 -3.69 1.87 -4.66
N LYS A 21 -2.89 2.93 -4.66
CA LYS A 21 -3.09 4.03 -5.60
C LYS A 21 -2.71 3.59 -7.01
N GLU A 22 -1.77 2.68 -7.10
CA GLU A 22 -1.33 2.19 -8.39
C GLU A 22 -2.41 1.32 -9.03
N VAL A 23 -3.09 0.52 -8.20
CA VAL A 23 -4.13 -0.37 -8.70
C VAL A 23 -5.27 0.41 -9.35
N VAL A 24 -5.67 1.54 -8.76
CA VAL A 24 -6.76 2.33 -9.32
C VAL A 24 -6.37 2.85 -10.71
N GLU A 25 -5.10 3.22 -10.87
CA GLU A 25 -4.62 3.73 -12.15
C GLU A 25 -5.03 2.82 -13.29
N GLU A 26 -5.00 1.51 -13.05
CA GLU A 26 -5.39 0.55 -14.08
C GLU A 26 -6.83 0.81 -14.50
N ALA A 27 -7.53 1.60 -13.69
CA ALA A 27 -8.91 1.93 -13.96
C ALA A 27 -9.11 2.17 -15.46
N GLU A 28 -8.08 2.68 -16.11
CA GLU A 28 -8.14 2.94 -17.54
C GLU A 28 -7.96 1.65 -18.34
N ASN A 29 -7.22 0.71 -17.77
CA ASN A 29 -6.99 -0.57 -18.41
C ASN A 29 -6.51 -0.36 -19.86
N SER A 2 -7.41 10.20 9.39
CA SER A 2 -6.83 8.89 9.07
C SER A 2 -5.32 8.99 8.97
N ASP A 3 -4.84 10.12 8.44
CA ASP A 3 -3.41 10.33 8.28
C ASP A 3 -2.68 10.01 9.58
N ALA A 4 -3.32 10.35 10.69
CA ALA A 4 -2.71 10.10 12.00
C ALA A 4 -2.39 8.62 12.17
N ALA A 5 -3.11 7.77 11.43
CA ALA A 5 -2.88 6.34 11.50
C ALA A 5 -1.39 6.03 11.45
N VAL A 6 -0.61 7.03 11.07
CA VAL A 6 0.83 6.87 10.98
C VAL A 6 1.32 6.06 12.18
N ASP A 7 0.72 6.30 13.33
CA ASP A 7 1.09 5.55 14.52
C ASP A 7 0.86 4.07 14.25
N THR A 8 -0.26 3.79 13.58
CA THR A 8 -0.59 2.43 13.19
C THR A 8 0.45 1.89 12.23
N SER A 9 1.19 2.81 11.60
CA SER A 9 2.22 2.41 10.64
C SER A 9 2.90 1.14 11.11
N SER A 10 2.83 0.89 12.41
CA SER A 10 3.43 -0.31 12.97
C SER A 10 2.97 -1.52 12.16
N GLU A 11 1.67 -1.58 11.92
CA GLU A 11 1.08 -2.67 11.14
C GLU A 11 1.51 -2.55 9.68
N ILE A 12 2.34 -1.56 9.41
CA ILE A 12 2.83 -1.31 8.05
C ILE A 12 1.67 -1.16 7.07
N THR A 13 1.95 -1.42 5.80
CA THR A 13 0.92 -1.29 4.76
C THR A 13 0.91 0.13 4.20
N THR A 14 1.58 1.03 4.90
CA THR A 14 1.65 2.42 4.45
C THR A 14 2.29 2.50 3.08
N LYS A 15 3.41 1.82 2.90
CA LYS A 15 4.10 1.82 1.61
C LYS A 15 3.26 1.07 0.58
N ASP A 16 2.62 0.00 1.03
CA ASP A 16 1.78 -0.78 0.13
C ASP A 16 0.71 0.12 -0.50
N LEU A 17 0.25 1.09 0.28
CA LEU A 17 -0.75 2.02 -0.21
C LEU A 17 -0.27 2.65 -1.51
N LYS A 18 1.05 2.76 -1.63
CA LYS A 18 1.65 3.34 -2.83
C LYS A 18 1.46 2.41 -4.01
N GLU A 19 1.58 1.11 -3.76
CA GLU A 19 1.41 0.11 -4.81
C GLU A 19 -0.06 -0.05 -5.14
N LYS A 20 -0.90 -0.01 -4.11
CA LYS A 20 -2.34 -0.15 -4.29
C LYS A 20 -2.92 1.11 -4.91
N LYS A 21 -2.32 2.25 -4.60
CA LYS A 21 -2.78 3.53 -5.15
C LYS A 21 -2.39 3.66 -6.61
N GLU A 22 -1.26 3.08 -6.97
CA GLU A 22 -0.78 3.13 -8.33
C GLU A 22 -1.67 2.29 -9.25
N VAL A 23 -2.09 1.13 -8.76
CA VAL A 23 -2.93 0.25 -9.55
C VAL A 23 -4.23 0.96 -9.92
N VAL A 24 -4.65 1.91 -9.08
CA VAL A 24 -5.87 2.64 -9.34
C VAL A 24 -5.87 3.23 -10.75
N GLU A 25 -4.71 3.67 -11.20
CA GLU A 25 -4.60 4.26 -12.53
C GLU A 25 -5.00 3.23 -13.59
N GLU A 26 -4.60 1.97 -13.37
CA GLU A 26 -4.94 0.91 -14.30
C GLU A 26 -6.45 0.77 -14.38
N ALA A 27 -7.14 1.38 -13.42
CA ALA A 27 -8.60 1.32 -13.37
C ALA A 27 -9.19 1.51 -14.76
N GLU A 28 -8.53 2.33 -15.58
CA GLU A 28 -9.00 2.59 -16.93
C GLU A 28 -9.23 1.27 -17.68
N ASN A 29 -8.79 0.17 -17.08
CA ASN A 29 -8.94 -1.14 -17.70
C ASN A 29 -8.34 -1.15 -19.10
N SER A 2 17.42 -8.28 5.02
CA SER A 2 16.73 -7.01 5.25
C SER A 2 15.30 -7.07 4.70
N ASP A 3 15.11 -7.90 3.69
CA ASP A 3 13.80 -8.04 3.07
C ASP A 3 12.76 -8.50 4.10
N ALA A 4 13.21 -9.33 5.05
CA ALA A 4 12.31 -9.83 6.09
C ALA A 4 11.68 -8.69 6.86
N ALA A 5 12.29 -7.51 6.79
CA ALA A 5 11.77 -6.34 7.47
C ALA A 5 10.34 -6.05 7.04
N VAL A 6 9.95 -6.60 5.89
CA VAL A 6 8.61 -6.41 5.37
C VAL A 6 7.57 -6.94 6.35
N ASP A 7 7.88 -8.05 7.00
CA ASP A 7 6.94 -8.61 7.96
C ASP A 7 6.69 -7.59 9.06
N THR A 8 7.76 -6.91 9.46
CA THR A 8 7.66 -5.86 10.47
C THR A 8 6.76 -4.76 9.94
N SER A 9 6.88 -4.50 8.64
CA SER A 9 6.09 -3.45 8.00
C SER A 9 4.62 -3.56 8.41
N SER A 10 4.19 -4.76 8.76
CA SER A 10 2.81 -4.99 9.16
C SER A 10 2.35 -3.85 10.06
N GLU A 11 3.30 -3.15 10.66
CA GLU A 11 2.99 -2.03 11.55
C GLU A 11 2.42 -0.87 10.75
N ILE A 12 3.06 -0.59 9.61
CA ILE A 12 2.62 0.51 8.75
C ILE A 12 2.48 0.02 7.31
N THR A 13 1.33 0.30 6.71
CA THR A 13 1.08 -0.11 5.33
C THR A 13 0.78 1.10 4.45
N THR A 14 1.11 2.29 4.94
CA THR A 14 0.85 3.51 4.19
C THR A 14 1.70 3.54 2.92
N LYS A 15 2.99 3.31 3.07
CA LYS A 15 3.90 3.31 1.91
C LYS A 15 3.56 2.16 0.98
N ASP A 16 3.20 1.03 1.56
CA ASP A 16 2.83 -0.13 0.76
C ASP A 16 1.59 0.18 -0.07
N LEU A 17 0.75 1.04 0.50
CA LEU A 17 -0.47 1.46 -0.18
C LEU A 17 -0.12 2.01 -1.55
N LYS A 18 1.08 2.56 -1.67
CA LYS A 18 1.55 3.12 -2.93
C LYS A 18 1.38 2.11 -4.07
N GLU A 19 1.73 0.87 -3.79
CA GLU A 19 1.63 -0.19 -4.79
C GLU A 19 0.16 -0.47 -5.11
N LYS A 20 -0.67 -0.47 -4.08
CA LYS A 20 -2.10 -0.73 -4.26
C LYS A 20 -2.76 0.44 -4.98
N LYS A 21 -2.25 1.64 -4.74
CA LYS A 21 -2.80 2.82 -5.38
C LYS A 21 -2.37 2.87 -6.84
N GLU A 22 -1.22 2.30 -7.12
CA GLU A 22 -0.69 2.28 -8.48
C GLU A 22 -1.56 1.40 -9.38
N VAL A 23 -1.93 0.23 -8.88
CA VAL A 23 -2.76 -0.68 -9.67
C VAL A 23 -4.09 -0.03 -10.03
N VAL A 24 -4.57 0.85 -9.16
CA VAL A 24 -5.84 1.53 -9.37
C VAL A 24 -5.86 2.18 -10.75
N GLU A 25 -4.71 2.66 -11.20
CA GLU A 25 -4.62 3.31 -12.50
C GLU A 25 -5.26 2.43 -13.57
N GLU A 26 -5.08 1.13 -13.44
CA GLU A 26 -5.66 0.20 -14.39
C GLU A 26 -7.17 0.36 -14.41
N ALA A 27 -7.69 1.07 -13.42
CA ALA A 27 -9.13 1.31 -13.32
C ALA A 27 -9.63 2.07 -14.53
N GLU A 28 -8.91 3.10 -14.93
CA GLU A 28 -9.30 3.90 -16.08
C GLU A 28 -9.35 3.05 -17.35
N ASN A 29 -8.42 2.12 -17.47
CA ASN A 29 -8.36 1.25 -18.63
C ASN A 29 -9.44 0.17 -18.55
N SER A 2 -9.88 -13.05 13.00
CA SER A 2 -8.59 -13.45 12.45
C SER A 2 -8.22 -12.59 11.26
N ASP A 3 -8.86 -12.85 10.13
CA ASP A 3 -8.59 -12.09 8.91
C ASP A 3 -8.62 -10.60 9.19
N ALA A 4 -9.49 -10.19 10.11
CA ALA A 4 -9.61 -8.79 10.46
C ALA A 4 -8.26 -8.23 10.91
N ALA A 5 -7.36 -9.10 11.33
CA ALA A 5 -6.04 -8.68 11.78
C ALA A 5 -5.32 -7.93 10.66
N VAL A 6 -5.58 -8.35 9.42
CA VAL A 6 -4.97 -7.69 8.27
C VAL A 6 -5.34 -6.22 8.26
N ASP A 7 -6.58 -5.93 8.64
CA ASP A 7 -7.02 -4.55 8.69
C ASP A 7 -6.12 -3.80 9.66
N THR A 8 -5.78 -4.49 10.75
CA THR A 8 -4.89 -3.92 11.75
C THR A 8 -3.55 -3.60 11.11
N SER A 9 -3.13 -4.47 10.19
CA SER A 9 -1.87 -4.26 9.50
C SER A 9 -1.87 -2.90 8.80
N SER A 10 -3.06 -2.39 8.55
CA SER A 10 -3.22 -1.10 7.88
C SER A 10 -2.40 -0.03 8.62
N GLU A 11 -2.17 -0.25 9.91
CA GLU A 11 -1.40 0.69 10.71
C GLU A 11 -0.04 0.93 10.07
N ILE A 12 0.56 -0.13 9.55
CA ILE A 12 1.86 -0.03 8.91
C ILE A 12 1.70 -0.27 7.40
N THR A 13 2.81 -0.59 6.72
CA THR A 13 2.76 -0.85 5.29
C THR A 13 1.95 0.24 4.58
N THR A 14 1.82 1.39 5.23
CA THR A 14 1.08 2.50 4.66
C THR A 14 1.74 2.98 3.37
N LYS A 15 3.08 3.09 3.41
CA LYS A 15 3.82 3.54 2.25
C LYS A 15 3.79 2.46 1.17
N ASP A 16 3.86 1.20 1.59
CA ASP A 16 3.82 0.09 0.65
C ASP A 16 2.48 0.09 -0.06
N LEU A 17 1.46 0.52 0.67
CA LEU A 17 0.11 0.59 0.13
C LEU A 17 0.11 1.41 -1.15
N LYS A 18 1.05 2.34 -1.24
CA LYS A 18 1.15 3.21 -2.42
C LYS A 18 1.08 2.38 -3.70
N GLU A 19 1.62 1.16 -3.63
CA GLU A 19 1.61 0.27 -4.78
C GLU A 19 0.19 -0.11 -5.15
N LYS A 20 -0.63 -0.36 -4.14
CA LYS A 20 -2.03 -0.73 -4.35
C LYS A 20 -2.78 0.42 -5.01
N LYS A 21 -2.60 1.63 -4.49
CA LYS A 21 -3.27 2.79 -5.04
C LYS A 21 -2.78 3.05 -6.46
N GLU A 22 -1.48 2.86 -6.67
CA GLU A 22 -0.89 3.06 -7.98
C GLU A 22 -1.60 2.18 -9.00
N VAL A 23 -2.04 1.01 -8.55
CA VAL A 23 -2.75 0.09 -9.44
C VAL A 23 -3.98 0.77 -10.03
N VAL A 24 -4.45 1.82 -9.36
CA VAL A 24 -5.62 2.56 -9.83
C VAL A 24 -5.57 2.73 -11.34
N GLU A 25 -4.36 2.64 -11.89
CA GLU A 25 -4.19 2.78 -13.33
C GLU A 25 -5.18 1.88 -14.06
N GLU A 26 -5.43 0.70 -13.48
CA GLU A 26 -6.35 -0.25 -14.08
C GLU A 26 -7.69 0.45 -14.34
N ALA A 27 -7.87 1.58 -13.67
CA ALA A 27 -9.11 2.35 -13.83
C ALA A 27 -9.28 2.81 -15.27
N GLU A 28 -8.16 2.85 -16.00
CA GLU A 28 -8.19 3.27 -17.40
C GLU A 28 -9.05 2.31 -18.22
N ASN A 29 -9.33 1.14 -17.65
CA ASN A 29 -10.15 0.14 -18.34
C ASN A 29 -11.62 0.30 -17.97
N SER A 2 5.60 18.12 10.49
CA SER A 2 5.28 17.69 9.14
C SER A 2 6.42 16.86 8.55
N ASP A 3 7.24 17.51 7.74
CA ASP A 3 8.37 16.82 7.11
C ASP A 3 9.15 16.01 8.14
N ALA A 4 9.17 16.51 9.37
CA ALA A 4 9.89 15.82 10.45
C ALA A 4 9.33 14.40 10.62
N ALA A 5 8.10 14.21 10.21
CA ALA A 5 7.45 12.91 10.30
C ALA A 5 8.25 11.86 9.53
N VAL A 6 9.17 12.33 8.68
CA VAL A 6 9.99 11.43 7.88
C VAL A 6 10.41 10.24 8.72
N ASP A 7 10.72 10.51 9.98
CA ASP A 7 11.11 9.43 10.88
C ASP A 7 9.96 8.44 10.99
N THR A 8 8.75 8.99 11.03
CA THR A 8 7.54 8.18 11.10
C THR A 8 7.44 7.32 9.84
N SER A 9 7.81 7.90 8.71
CA SER A 9 7.76 7.17 7.44
C SER A 9 8.41 5.80 7.57
N SER A 10 9.18 5.63 8.63
CA SER A 10 9.85 4.34 8.86
C SER A 10 8.84 3.20 8.81
N GLU A 11 7.56 3.54 8.94
CA GLU A 11 6.51 2.53 8.90
C GLU A 11 6.43 1.91 7.52
N ILE A 12 6.89 2.67 6.52
CA ILE A 12 6.87 2.20 5.13
C ILE A 12 5.52 1.62 4.74
N THR A 13 4.60 1.55 5.70
CA THR A 13 3.27 1.01 5.42
C THR A 13 2.53 1.92 4.44
N THR A 14 2.80 3.21 4.53
CA THR A 14 2.16 4.16 3.63
C THR A 14 2.64 3.94 2.21
N LYS A 15 3.88 3.48 2.08
CA LYS A 15 4.44 3.22 0.75
C LYS A 15 3.81 1.96 0.19
N ASP A 16 3.65 0.95 1.03
CA ASP A 16 3.02 -0.29 0.61
C ASP A 16 1.65 0.03 0.05
N LEU A 17 1.00 0.99 0.71
CA LEU A 17 -0.31 1.44 0.29
C LEU A 17 -0.27 1.86 -1.17
N LYS A 18 0.90 2.35 -1.59
CA LYS A 18 1.08 2.78 -2.96
C LYS A 18 0.75 1.66 -3.93
N GLU A 19 1.15 0.44 -3.57
CA GLU A 19 0.88 -0.72 -4.40
C GLU A 19 -0.62 -0.86 -4.65
N LYS A 20 -1.39 -0.61 -3.60
CA LYS A 20 -2.84 -0.71 -3.69
C LYS A 20 -3.40 0.47 -4.49
N LYS A 21 -2.81 1.64 -4.29
CA LYS A 21 -3.23 2.83 -5.01
C LYS A 21 -2.82 2.71 -6.47
N GLU A 22 -1.73 1.99 -6.70
CA GLU A 22 -1.22 1.78 -8.05
C GLU A 22 -2.24 1.06 -8.93
N VAL A 23 -2.89 0.05 -8.37
CA VAL A 23 -3.87 -0.72 -9.12
C VAL A 23 -5.00 0.17 -9.64
N VAL A 24 -5.28 1.26 -8.93
CA VAL A 24 -6.34 2.18 -9.32
C VAL A 24 -6.09 2.74 -10.72
N GLU A 25 -4.82 3.00 -11.02
CA GLU A 25 -4.47 3.54 -12.33
C GLU A 25 -4.97 2.62 -13.43
N GLU A 26 -4.89 1.32 -13.18
CA GLU A 26 -5.35 0.33 -14.15
C GLU A 26 -6.81 0.59 -14.47
N ALA A 27 -7.46 1.39 -13.64
CA ALA A 27 -8.88 1.72 -13.82
C ALA A 27 -9.12 2.35 -15.18
N GLU A 28 -8.25 3.28 -15.55
CA GLU A 28 -8.38 3.96 -16.83
C GLU A 28 -8.10 3.01 -17.99
N ASN A 29 -7.91 1.73 -17.68
CA ASN A 29 -7.64 0.74 -18.72
C ASN A 29 -8.72 -0.35 -18.70
N SER A 2 8.35 2.89 20.76
CA SER A 2 8.19 3.84 19.64
C SER A 2 9.09 3.45 18.48
N ASP A 3 10.36 3.85 18.55
CA ASP A 3 11.30 3.52 17.49
C ASP A 3 11.28 2.02 17.23
N ALA A 4 11.12 1.24 18.29
CA ALA A 4 11.06 -0.21 18.17
C ALA A 4 10.07 -0.60 17.09
N ALA A 5 9.07 0.24 16.88
CA ALA A 5 8.04 -0.03 15.87
C ALA A 5 8.70 -0.47 14.57
N VAL A 6 9.97 -0.11 14.40
CA VAL A 6 10.70 -0.49 13.21
C VAL A 6 10.55 -1.97 12.96
N ASP A 7 10.53 -2.75 14.05
CA ASP A 7 10.37 -4.19 13.91
C ASP A 7 9.04 -4.48 13.24
N THR A 8 8.03 -3.70 13.60
CA THR A 8 6.72 -3.87 12.98
C THR A 8 6.85 -3.63 11.48
N SER A 9 7.72 -2.72 11.11
CA SER A 9 7.93 -2.42 9.69
C SER A 9 7.98 -3.72 8.91
N SER A 10 8.45 -4.77 9.56
CA SER A 10 8.54 -6.08 8.91
C SER A 10 7.19 -6.47 8.32
N GLU A 11 6.13 -6.29 9.12
CA GLU A 11 4.79 -6.60 8.64
C GLU A 11 4.43 -5.73 7.45
N ILE A 12 5.27 -4.72 7.21
CA ILE A 12 5.06 -3.79 6.11
C ILE A 12 3.58 -3.46 5.93
N THR A 13 3.28 -2.75 4.84
CA THR A 13 1.91 -2.34 4.51
C THR A 13 1.84 -0.83 4.36
N THR A 14 2.95 -0.16 4.65
CA THR A 14 2.99 1.30 4.54
C THR A 14 3.21 1.71 3.10
N LYS A 15 4.19 1.10 2.47
CA LYS A 15 4.49 1.40 1.06
C LYS A 15 3.43 0.79 0.15
N ASP A 16 2.91 -0.36 0.56
CA ASP A 16 1.89 -1.04 -0.22
C ASP A 16 0.69 -0.12 -0.43
N LEU A 17 0.38 0.65 0.59
CA LEU A 17 -0.73 1.58 0.52
C LEU A 17 -0.59 2.46 -0.71
N LYS A 18 0.66 2.72 -1.08
CA LYS A 18 0.94 3.54 -2.25
C LYS A 18 0.58 2.79 -3.53
N GLU A 19 0.74 1.48 -3.50
CA GLU A 19 0.44 0.66 -4.66
C GLU A 19 -1.04 0.79 -5.02
N LYS A 20 -1.87 0.95 -4.00
CA LYS A 20 -3.31 1.10 -4.21
C LYS A 20 -3.57 2.35 -5.04
N LYS A 21 -2.87 3.43 -4.72
CA LYS A 21 -3.05 4.68 -5.46
C LYS A 21 -2.53 4.52 -6.88
N GLU A 22 -1.31 4.04 -7.01
CA GLU A 22 -0.72 3.83 -8.32
C GLU A 22 -1.52 2.78 -9.08
N VAL A 23 -2.00 1.78 -8.35
CA VAL A 23 -2.79 0.71 -8.96
C VAL A 23 -4.04 1.27 -9.64
N VAL A 24 -4.62 2.32 -9.05
CA VAL A 24 -5.82 2.92 -9.61
C VAL A 24 -5.69 3.12 -11.11
N GLU A 25 -4.45 3.30 -11.56
CA GLU A 25 -4.20 3.49 -12.99
C GLU A 25 -4.70 2.29 -13.79
N GLU A 26 -4.51 1.10 -13.23
CA GLU A 26 -4.95 -0.12 -13.88
C GLU A 26 -6.45 -0.06 -14.13
N ALA A 27 -7.12 0.88 -13.48
CA ALA A 27 -8.56 1.03 -13.63
C ALA A 27 -8.90 1.36 -15.07
N GLU A 28 -7.96 1.99 -15.78
CA GLU A 28 -8.18 2.35 -17.18
C GLU A 28 -8.76 1.17 -17.94
N ASN A 29 -8.83 0.02 -17.28
CA ASN A 29 -9.39 -1.18 -17.91
C ASN A 29 -10.47 -1.80 -17.03
N SER A 2 3.33 -15.82 16.98
CA SER A 2 4.13 -15.85 15.77
C SER A 2 3.32 -15.36 14.58
N ASP A 3 2.24 -16.08 14.28
CA ASP A 3 1.36 -15.72 13.18
C ASP A 3 0.78 -14.32 13.38
N ALA A 4 0.47 -14.00 14.63
CA ALA A 4 -0.11 -12.69 14.95
C ALA A 4 0.77 -11.57 14.42
N ALA A 5 2.06 -11.86 14.27
CA ALA A 5 3.00 -10.86 13.77
C ALA A 5 2.40 -10.14 12.55
N VAL A 6 1.43 -10.77 11.91
CA VAL A 6 0.79 -10.19 10.76
C VAL A 6 0.37 -8.76 11.06
N ASP A 7 -0.09 -8.52 12.28
CA ASP A 7 -0.50 -7.18 12.67
C ASP A 7 0.67 -6.25 12.48
N THR A 8 1.86 -6.73 12.81
CA THR A 8 3.07 -5.95 12.62
C THR A 8 3.24 -5.66 11.14
N SER A 9 2.88 -6.63 10.31
CA SER A 9 2.98 -6.49 8.88
C SER A 9 2.35 -5.18 8.42
N SER A 10 1.24 -4.81 9.05
CA SER A 10 0.53 -3.59 8.70
C SER A 10 1.50 -2.41 8.67
N GLU A 11 2.64 -2.55 9.35
CA GLU A 11 3.64 -1.50 9.39
C GLU A 11 4.29 -1.35 8.02
N ILE A 12 4.50 -2.46 7.33
CA ILE A 12 5.12 -2.43 6.02
C ILE A 12 4.07 -2.14 4.94
N THR A 13 2.97 -1.51 5.35
CA THR A 13 1.90 -1.17 4.42
C THR A 13 2.04 0.26 3.91
N THR A 14 2.93 1.03 4.55
CA THR A 14 3.15 2.41 4.15
C THR A 14 3.51 2.51 2.67
N LYS A 15 4.48 1.69 2.24
CA LYS A 15 4.91 1.71 0.85
C LYS A 15 3.86 1.04 -0.03
N ASP A 16 3.18 0.05 0.53
CA ASP A 16 2.14 -0.65 -0.22
C ASP A 16 0.99 0.31 -0.51
N LEU A 17 0.83 1.29 0.37
CA LEU A 17 -0.23 2.27 0.19
C LEU A 17 -0.11 2.85 -1.21
N LYS A 18 1.12 2.89 -1.71
CA LYS A 18 1.36 3.40 -3.05
C LYS A 18 0.84 2.41 -4.07
N GLU A 19 1.04 1.13 -3.80
CA GLU A 19 0.58 0.07 -4.70
C GLU A 19 -0.94 0.00 -4.71
N LYS A 20 -1.54 0.10 -3.52
CA LYS A 20 -2.98 0.05 -3.40
C LYS A 20 -3.60 1.21 -4.19
N LYS A 21 -2.96 2.37 -4.14
CA LYS A 21 -3.45 3.52 -4.87
C LYS A 21 -3.18 3.33 -6.34
N GLU A 22 -2.10 2.61 -6.65
CA GLU A 22 -1.73 2.35 -8.03
C GLU A 22 -2.87 1.61 -8.74
N VAL A 23 -3.62 0.81 -7.98
CA VAL A 23 -4.73 0.07 -8.56
C VAL A 23 -5.65 1.03 -9.31
N VAL A 24 -5.75 2.27 -8.83
CA VAL A 24 -6.59 3.26 -9.48
C VAL A 24 -6.15 3.45 -10.93
N GLU A 25 -4.83 3.41 -11.14
CA GLU A 25 -4.29 3.57 -12.49
C GLU A 25 -4.84 2.46 -13.38
N GLU A 26 -4.99 1.27 -12.82
CA GLU A 26 -5.52 0.15 -13.57
C GLU A 26 -6.88 0.52 -14.16
N ALA A 27 -7.46 1.59 -13.62
CA ALA A 27 -8.77 2.04 -14.10
C ALA A 27 -8.76 2.21 -15.62
N GLU A 28 -7.65 2.69 -16.14
CA GLU A 28 -7.53 2.88 -17.58
C GLU A 28 -7.66 1.55 -18.32
N ASN A 29 -7.20 0.48 -17.68
CA ASN A 29 -7.27 -0.85 -18.28
C ASN A 29 -8.65 -1.46 -18.05
N SER A 2 -13.27 -0.76 5.49
CA SER A 2 -12.26 -0.17 4.62
C SER A 2 -11.72 1.13 5.21
N ASP A 3 -12.48 2.19 5.06
CA ASP A 3 -12.08 3.49 5.59
C ASP A 3 -11.63 3.34 7.04
N ALA A 4 -12.32 2.48 7.77
CA ALA A 4 -11.97 2.24 9.17
C ALA A 4 -10.54 1.74 9.29
N ALA A 5 -10.04 1.14 8.21
CA ALA A 5 -8.67 0.63 8.20
C ALA A 5 -7.69 1.71 8.63
N VAL A 6 -8.11 2.97 8.50
CA VAL A 6 -7.26 4.09 8.88
C VAL A 6 -6.58 3.78 10.21
N ASP A 7 -7.32 3.15 11.10
CA ASP A 7 -6.75 2.78 12.39
C ASP A 7 -5.58 1.85 12.15
N THR A 8 -5.73 0.98 11.15
CA THR A 8 -4.69 0.05 10.78
C THR A 8 -3.45 0.84 10.34
N SER A 9 -3.72 1.95 9.64
CA SER A 9 -2.64 2.80 9.16
C SER A 9 -1.60 3.00 10.25
N SER A 10 -1.99 2.72 11.49
CA SER A 10 -1.08 2.87 12.63
C SER A 10 0.23 2.15 12.35
N GLU A 11 0.14 0.96 11.75
CA GLU A 11 1.33 0.19 11.42
C GLU A 11 2.13 0.90 10.33
N ILE A 12 1.60 2.02 9.87
CA ILE A 12 2.25 2.80 8.83
C ILE A 12 2.38 2.00 7.54
N THR A 13 1.24 1.71 6.92
CA THR A 13 1.22 0.95 5.68
C THR A 13 0.60 1.78 4.56
N THR A 14 0.56 3.09 4.77
CA THR A 14 -0.01 4.01 3.78
C THR A 14 0.92 4.12 2.58
N LYS A 15 2.21 4.32 2.84
CA LYS A 15 3.18 4.45 1.77
C LYS A 15 3.30 3.13 1.02
N ASP A 16 3.26 2.03 1.76
CA ASP A 16 3.34 0.72 1.15
C ASP A 16 2.16 0.53 0.20
N LEU A 17 1.04 1.09 0.58
CA LEU A 17 -0.18 1.02 -0.21
C LEU A 17 0.07 1.53 -1.64
N LYS A 18 1.05 2.41 -1.76
CA LYS A 18 1.37 3.01 -3.06
C LYS A 18 1.50 1.96 -4.15
N GLU A 19 2.01 0.79 -3.80
CA GLU A 19 2.16 -0.26 -4.79
C GLU A 19 0.81 -0.84 -5.18
N LYS A 20 -0.08 -0.93 -4.20
CA LYS A 20 -1.42 -1.44 -4.46
C LYS A 20 -2.26 -0.41 -5.19
N LYS A 21 -2.05 0.86 -4.86
CA LYS A 21 -2.78 1.94 -5.50
C LYS A 21 -2.43 2.01 -6.98
N GLU A 22 -1.20 1.61 -7.30
CA GLU A 22 -0.74 1.64 -8.68
C GLU A 22 -1.62 0.77 -9.58
N VAL A 23 -1.92 -0.45 -9.11
CA VAL A 23 -2.75 -1.35 -9.90
C VAL A 23 -4.12 -0.74 -10.17
N VAL A 24 -4.64 0.02 -9.21
CA VAL A 24 -5.94 0.67 -9.38
C VAL A 24 -5.94 1.59 -10.59
N GLU A 25 -4.75 2.06 -10.95
CA GLU A 25 -4.63 2.95 -12.10
C GLU A 25 -5.31 2.33 -13.31
N GLU A 26 -5.18 1.01 -13.45
CA GLU A 26 -5.82 0.32 -14.55
C GLU A 26 -7.30 0.64 -14.56
N ALA A 27 -7.77 1.21 -13.46
CA ALA A 27 -9.17 1.58 -13.33
C ALA A 27 -9.51 2.71 -14.31
N GLU A 28 -8.53 3.59 -14.54
CA GLU A 28 -8.73 4.71 -15.45
C GLU A 28 -8.97 4.20 -16.87
N ASN A 29 -8.66 2.93 -17.08
CA ASN A 29 -8.85 2.33 -18.41
C ASN A 29 -10.33 2.15 -18.72
N SER A 2 15.50 -7.53 -3.77
CA SER A 2 14.63 -6.73 -4.63
C SER A 2 13.17 -6.90 -4.23
N ASP A 3 12.53 -7.91 -4.80
CA ASP A 3 11.12 -8.18 -4.50
C ASP A 3 10.90 -8.17 -2.98
N ALA A 4 11.87 -8.69 -2.24
CA ALA A 4 11.78 -8.74 -0.79
C ALA A 4 11.63 -7.32 -0.21
N ALA A 5 11.90 -6.32 -1.04
CA ALA A 5 11.79 -4.94 -0.59
C ALA A 5 10.48 -4.72 0.16
N VAL A 6 9.52 -5.62 -0.05
CA VAL A 6 8.24 -5.50 0.62
C VAL A 6 8.44 -5.52 2.12
N ASP A 7 9.36 -6.37 2.58
CA ASP A 7 9.66 -6.44 4.00
C ASP A 7 10.18 -5.08 4.46
N THR A 8 11.01 -4.48 3.61
CA THR A 8 11.56 -3.16 3.89
C THR A 8 10.43 -2.14 3.99
N SER A 9 9.42 -2.30 3.14
CA SER A 9 8.28 -1.39 3.13
C SER A 9 7.61 -1.35 4.50
N SER A 10 7.88 -2.35 5.32
CA SER A 10 7.29 -2.41 6.65
C SER A 10 7.65 -1.16 7.45
N GLU A 11 8.87 -0.66 7.25
CA GLU A 11 9.31 0.53 7.96
C GLU A 11 8.42 1.71 7.61
N ILE A 12 7.83 1.66 6.42
CA ILE A 12 6.94 2.73 5.98
C ILE A 12 5.79 2.16 5.15
N THR A 13 4.72 1.77 5.84
CA THR A 13 3.56 1.20 5.17
C THR A 13 2.83 2.24 4.32
N THR A 14 3.07 3.51 4.60
CA THR A 14 2.41 4.57 3.83
C THR A 14 2.71 4.39 2.35
N LYS A 15 3.92 3.94 2.03
CA LYS A 15 4.31 3.73 0.65
C LYS A 15 3.65 2.46 0.11
N ASP A 16 3.55 1.44 0.94
CA ASP A 16 2.92 0.19 0.54
C ASP A 16 1.54 0.47 -0.01
N LEU A 17 0.86 1.38 0.66
CA LEU A 17 -0.49 1.77 0.25
C LEU A 17 -0.48 2.19 -1.20
N LYS A 18 0.65 2.74 -1.64
CA LYS A 18 0.79 3.19 -3.02
C LYS A 18 0.78 2.00 -3.98
N GLU A 19 1.38 0.90 -3.56
CA GLU A 19 1.44 -0.30 -4.39
C GLU A 19 0.04 -0.85 -4.64
N LYS A 20 -0.76 -0.91 -3.59
CA LYS A 20 -2.13 -1.42 -3.72
C LYS A 20 -2.98 -0.44 -4.50
N LYS A 21 -2.79 0.85 -4.23
CA LYS A 21 -3.53 1.88 -4.93
C LYS A 21 -3.20 1.85 -6.41
N GLU A 22 -1.98 1.42 -6.72
CA GLU A 22 -1.53 1.34 -8.11
C GLU A 22 -2.49 0.48 -8.93
N VAL A 23 -2.97 -0.62 -8.34
CA VAL A 23 -3.89 -1.51 -9.04
C VAL A 23 -5.04 -0.69 -9.66
N VAL A 24 -5.44 0.35 -8.95
CA VAL A 24 -6.53 1.20 -9.42
C VAL A 24 -6.19 1.82 -10.78
N GLU A 25 -4.90 1.92 -11.07
CA GLU A 25 -4.48 2.49 -12.35
C GLU A 25 -5.25 1.83 -13.48
N GLU A 26 -5.48 0.53 -13.35
CA GLU A 26 -6.21 -0.20 -14.37
C GLU A 26 -7.49 0.56 -14.70
N ALA A 27 -7.88 1.44 -13.78
CA ALA A 27 -9.08 2.24 -13.97
C ALA A 27 -8.87 3.27 -15.07
N GLU A 28 -7.66 3.81 -15.14
CA GLU A 28 -7.33 4.81 -16.14
C GLU A 28 -7.55 4.25 -17.55
N ASN A 29 -7.42 2.93 -17.69
CA ASN A 29 -7.61 2.28 -18.97
C ASN A 29 -7.99 0.82 -18.78
N SER A 2 9.72 -10.20 21.53
CA SER A 2 9.70 -9.10 20.57
C SER A 2 9.00 -9.51 19.28
N ASP A 3 8.80 -10.82 19.11
CA ASP A 3 8.14 -11.32 17.90
C ASP A 3 6.80 -10.63 17.70
N ALA A 4 6.10 -10.37 18.80
CA ALA A 4 4.79 -9.70 18.72
C ALA A 4 4.94 -8.33 18.06
N ALA A 5 6.14 -7.78 18.10
CA ALA A 5 6.39 -6.46 17.51
C ALA A 5 5.85 -6.40 16.09
N VAL A 6 5.78 -7.54 15.43
CA VAL A 6 5.28 -7.60 14.07
C VAL A 6 4.03 -6.75 13.93
N ASP A 7 3.20 -6.76 14.97
CA ASP A 7 1.99 -5.95 14.94
C ASP A 7 2.37 -4.49 14.77
N THR A 8 3.43 -4.09 15.46
CA THR A 8 3.92 -2.72 15.36
C THR A 8 4.39 -2.43 13.94
N SER A 9 5.01 -3.44 13.31
CA SER A 9 5.51 -3.28 11.95
C SER A 9 4.38 -2.87 11.00
N SER A 10 3.15 -3.04 11.46
CA SER A 10 2.00 -2.69 10.63
C SER A 10 2.08 -1.22 10.23
N GLU A 11 3.03 -0.50 10.84
CA GLU A 11 3.21 0.91 10.55
C GLU A 11 3.74 1.12 9.13
N ILE A 12 4.69 0.28 8.74
CA ILE A 12 5.27 0.38 7.41
C ILE A 12 4.32 -0.19 6.36
N THR A 13 3.06 0.25 6.40
CA THR A 13 2.06 -0.22 5.45
C THR A 13 1.55 0.95 4.59
N THR A 14 1.62 2.15 5.15
CA THR A 14 1.16 3.34 4.44
C THR A 14 1.90 3.48 3.11
N LYS A 15 3.18 3.10 3.11
CA LYS A 15 3.98 3.18 1.89
C LYS A 15 3.58 2.07 0.93
N ASP A 16 3.27 0.90 1.48
CA ASP A 16 2.86 -0.23 0.65
C ASP A 16 1.57 0.12 -0.06
N LEU A 17 0.75 0.92 0.60
CA LEU A 17 -0.52 1.35 0.03
C LEU A 17 -0.28 1.99 -1.32
N LYS A 18 0.90 2.57 -1.48
CA LYS A 18 1.28 3.22 -2.72
C LYS A 18 1.33 2.21 -3.86
N GLU A 19 1.71 0.99 -3.55
CA GLU A 19 1.79 -0.06 -4.55
C GLU A 19 0.40 -0.42 -5.06
N LYS A 20 -0.49 -0.72 -4.12
CA LYS A 20 -1.85 -1.08 -4.49
C LYS A 20 -2.56 0.11 -5.15
N LYS A 21 -2.25 1.31 -4.67
CA LYS A 21 -2.86 2.51 -5.22
C LYS A 21 -2.44 2.68 -6.67
N GLU A 22 -1.21 2.30 -6.98
CA GLU A 22 -0.71 2.43 -8.35
C GLU A 22 -1.63 1.67 -9.31
N VAL A 23 -2.11 0.52 -8.87
CA VAL A 23 -2.99 -0.29 -9.69
C VAL A 23 -4.26 0.48 -10.05
N VAL A 24 -4.64 1.42 -9.19
CA VAL A 24 -5.84 2.22 -9.43
C VAL A 24 -5.81 2.81 -10.84
N GLU A 25 -4.63 3.19 -11.30
CA GLU A 25 -4.48 3.75 -12.63
C GLU A 25 -5.12 2.84 -13.66
N GLU A 26 -4.97 1.54 -13.45
CA GLU A 26 -5.55 0.55 -14.35
C GLU A 26 -7.05 0.76 -14.46
N ALA A 27 -7.60 1.55 -13.53
CA ALA A 27 -9.03 1.82 -13.53
C ALA A 27 -9.49 2.31 -14.90
N GLU A 28 -8.59 3.01 -15.60
CA GLU A 28 -8.91 3.54 -16.92
C GLU A 28 -9.21 2.42 -17.90
N ASN A 29 -9.02 1.17 -17.45
CA ASN A 29 -9.28 0.02 -18.30
C ASN A 29 -8.80 0.28 -19.73
N SER A 2 14.83 -7.10 20.30
CA SER A 2 14.09 -6.80 19.07
C SER A 2 12.70 -6.25 19.39
N ASP A 3 12.38 -6.20 20.68
CA ASP A 3 11.06 -5.70 21.09
C ASP A 3 10.82 -4.30 20.54
N ALA A 4 11.87 -3.49 20.51
CA ALA A 4 11.75 -2.13 19.99
C ALA A 4 11.30 -2.13 18.54
N ALA A 5 11.39 -3.29 17.89
CA ALA A 5 10.99 -3.42 16.49
C ALA A 5 9.52 -3.03 16.32
N VAL A 6 8.77 -3.08 17.42
CA VAL A 6 7.36 -2.73 17.38
C VAL A 6 7.19 -1.29 16.91
N ASP A 7 8.08 -0.41 17.37
CA ASP A 7 8.00 0.98 16.96
C ASP A 7 8.17 1.09 15.45
N THR A 8 9.10 0.31 14.91
CA THR A 8 9.34 0.29 13.48
C THR A 8 8.10 -0.21 12.76
N SER A 9 7.43 -1.18 13.39
CA SER A 9 6.20 -1.75 12.82
C SER A 9 5.30 -0.64 12.30
N SER A 10 5.56 0.59 12.73
CA SER A 10 4.76 1.73 12.29
C SER A 10 4.59 1.73 10.78
N GLU A 11 5.44 0.96 10.09
CA GLU A 11 5.37 0.87 8.64
C GLU A 11 4.13 0.12 8.21
N ILE A 12 3.72 -0.86 9.01
CA ILE A 12 2.53 -1.66 8.69
C ILE A 12 2.36 -1.77 7.17
N THR A 13 1.42 -1.00 6.63
CA THR A 13 1.16 -1.04 5.20
C THR A 13 0.64 0.31 4.71
N THR A 14 1.27 1.39 5.16
CA THR A 14 0.86 2.73 4.76
C THR A 14 1.55 3.13 3.47
N LYS A 15 2.87 2.97 3.42
CA LYS A 15 3.63 3.32 2.23
C LYS A 15 3.41 2.29 1.14
N ASP A 16 3.19 1.04 1.55
CA ASP A 16 2.96 -0.03 0.60
C ASP A 16 1.69 0.24 -0.19
N LEU A 17 0.73 0.87 0.48
CA LEU A 17 -0.54 1.21 -0.16
C LEU A 17 -0.28 2.00 -1.43
N LYS A 18 0.82 2.74 -1.44
CA LYS A 18 1.18 3.55 -2.59
C LYS A 18 1.35 2.67 -3.82
N GLU A 19 2.08 1.58 -3.66
CA GLU A 19 2.31 0.64 -4.75
C GLU A 19 0.98 0.02 -5.19
N LYS A 20 0.13 -0.26 -4.21
CA LYS A 20 -1.18 -0.85 -4.50
C LYS A 20 -2.09 0.20 -5.14
N LYS A 21 -1.98 1.43 -4.65
CA LYS A 21 -2.79 2.51 -5.19
C LYS A 21 -2.46 2.74 -6.66
N GLU A 22 -1.19 2.52 -7.02
CA GLU A 22 -0.76 2.70 -8.40
C GLU A 22 -1.53 1.76 -9.32
N VAL A 23 -1.85 0.58 -8.81
CA VAL A 23 -2.60 -0.40 -9.59
C VAL A 23 -3.93 0.19 -10.04
N VAL A 24 -4.41 1.18 -9.29
CA VAL A 24 -5.67 1.83 -9.62
C VAL A 24 -5.66 2.26 -11.08
N GLU A 25 -4.48 2.28 -11.69
CA GLU A 25 -4.37 2.66 -13.09
C GLU A 25 -5.37 1.88 -13.94
N GLU A 26 -5.56 0.62 -13.57
CA GLU A 26 -6.50 -0.23 -14.28
C GLU A 26 -7.87 0.42 -14.29
N ALA A 27 -8.05 1.42 -13.44
CA ALA A 27 -9.31 2.14 -13.37
C ALA A 27 -9.62 2.82 -14.68
N GLU A 28 -8.57 3.21 -15.41
CA GLU A 28 -8.74 3.88 -16.70
C GLU A 28 -9.31 2.90 -17.73
N ASN A 29 -8.95 1.63 -17.58
CA ASN A 29 -9.43 0.61 -18.50
C ASN A 29 -8.93 0.89 -19.92
N SER A 2 8.44 -5.82 23.09
CA SER A 2 8.52 -6.22 21.69
C SER A 2 7.14 -6.32 21.07
N ASP A 3 6.29 -7.14 21.69
CA ASP A 3 4.94 -7.34 21.20
C ASP A 3 4.26 -5.99 20.99
N ALA A 4 4.56 -5.03 21.86
CA ALA A 4 3.98 -3.71 21.75
C ALA A 4 4.25 -3.14 20.35
N ALA A 5 5.42 -3.47 19.81
CA ALA A 5 5.80 -3.01 18.48
C ALA A 5 4.79 -3.48 17.44
N VAL A 6 3.97 -4.46 17.82
CA VAL A 6 2.97 -5.01 16.93
C VAL A 6 2.04 -3.91 16.42
N ASP A 7 1.70 -2.97 17.30
CA ASP A 7 0.82 -1.88 16.90
C ASP A 7 1.48 -1.09 15.77
N THR A 8 2.79 -0.87 15.91
CA THR A 8 3.54 -0.16 14.89
C THR A 8 3.53 -0.96 13.59
N SER A 9 3.60 -2.29 13.73
CA SER A 9 3.61 -3.18 12.56
C SER A 9 2.50 -2.80 11.59
N SER A 10 1.53 -2.04 12.07
CA SER A 10 0.41 -1.63 11.23
C SER A 10 0.88 -0.65 10.15
N GLU A 11 1.87 0.16 10.49
CA GLU A 11 2.39 1.14 9.54
C GLU A 11 3.15 0.44 8.41
N ILE A 12 3.42 -0.85 8.58
CA ILE A 12 4.15 -1.61 7.57
C ILE A 12 3.31 -1.75 6.30
N THR A 13 2.38 -0.83 6.09
CA THR A 13 1.53 -0.87 4.91
C THR A 13 1.39 0.50 4.28
N THR A 14 1.91 1.52 4.96
CA THR A 14 1.83 2.88 4.42
C THR A 14 2.33 2.91 2.98
N LYS A 15 3.45 2.23 2.74
CA LYS A 15 4.01 2.18 1.41
C LYS A 15 3.19 1.27 0.51
N ASP A 16 2.68 0.19 1.09
CA ASP A 16 1.85 -0.74 0.34
C ASP A 16 0.71 0.02 -0.29
N LEU A 17 0.17 0.95 0.49
CA LEU A 17 -0.92 1.78 0.02
C LEU A 17 -0.51 2.47 -1.27
N LYS A 18 0.79 2.73 -1.39
CA LYS A 18 1.32 3.39 -2.58
C LYS A 18 1.22 2.46 -3.78
N GLU A 19 1.79 1.27 -3.62
CA GLU A 19 1.77 0.28 -4.68
C GLU A 19 0.33 -0.05 -5.06
N LYS A 20 -0.54 -0.09 -4.05
CA LYS A 20 -1.95 -0.38 -4.28
C LYS A 20 -2.64 0.82 -4.93
N LYS A 21 -2.14 2.01 -4.64
CA LYS A 21 -2.72 3.22 -5.21
C LYS A 21 -2.34 3.36 -6.67
N GLU A 22 -1.16 2.86 -7.02
CA GLU A 22 -0.69 2.92 -8.40
C GLU A 22 -1.61 2.10 -9.31
N VAL A 23 -2.12 1.00 -8.78
CA VAL A 23 -3.02 0.14 -9.55
C VAL A 23 -4.25 0.91 -10.01
N VAL A 24 -4.54 2.03 -9.33
CA VAL A 24 -5.71 2.83 -9.69
C VAL A 24 -5.82 2.94 -11.20
N GLU A 25 -4.68 2.95 -11.87
CA GLU A 25 -4.67 3.06 -13.32
C GLU A 25 -5.45 1.89 -13.93
N GLU A 26 -5.33 0.72 -13.30
CA GLU A 26 -6.03 -0.45 -13.78
C GLU A 26 -7.52 -0.18 -13.83
N ALA A 27 -7.94 0.90 -13.16
CA ALA A 27 -9.34 1.27 -13.14
C ALA A 27 -9.80 1.78 -14.50
N GLU A 28 -9.00 2.67 -15.07
CA GLU A 28 -9.32 3.25 -16.37
C GLU A 28 -8.95 2.29 -17.50
N ASN A 29 -7.85 1.58 -17.33
CA ASN A 29 -7.40 0.64 -18.34
C ASN A 29 -6.79 -0.61 -17.70
N SER A 2 -13.21 -5.86 -1.29
CA SER A 2 -11.89 -5.43 -0.86
C SER A 2 -11.94 -4.84 0.54
N ASP A 3 -13.15 -4.75 1.10
CA ASP A 3 -13.31 -4.19 2.44
C ASP A 3 -12.33 -4.85 3.41
N ALA A 4 -12.09 -6.15 3.21
CA ALA A 4 -11.17 -6.88 4.07
C ALA A 4 -9.78 -6.27 3.99
N ALA A 5 -9.46 -5.62 2.88
CA ALA A 5 -8.14 -5.03 2.70
C ALA A 5 -7.85 -4.03 3.82
N VAL A 6 -8.87 -3.26 4.20
CA VAL A 6 -8.70 -2.28 5.27
C VAL A 6 -8.34 -3.00 6.56
N ASP A 7 -8.97 -4.14 6.80
CA ASP A 7 -8.68 -4.93 7.99
C ASP A 7 -7.21 -5.34 7.95
N THR A 8 -6.75 -5.68 6.75
CA THR A 8 -5.37 -6.06 6.56
C THR A 8 -4.47 -4.90 6.95
N SER A 9 -4.94 -3.68 6.68
CA SER A 9 -4.18 -2.49 7.02
C SER A 9 -3.65 -2.58 8.44
N SER A 10 -4.21 -3.52 9.21
CA SER A 10 -3.79 -3.70 10.59
C SER A 10 -2.27 -3.78 10.68
N GLU A 11 -1.68 -4.50 9.74
CA GLU A 11 -0.22 -4.64 9.70
C GLU A 11 0.43 -3.33 9.30
N ILE A 12 -0.41 -2.33 9.07
CA ILE A 12 0.07 -1.01 8.66
C ILE A 12 0.90 -1.12 7.38
N THR A 13 0.40 -0.50 6.32
CA THR A 13 1.09 -0.53 5.03
C THR A 13 0.81 0.75 4.25
N THR A 14 0.83 1.87 4.97
CA THR A 14 0.58 3.17 4.35
C THR A 14 1.43 3.36 3.10
N LYS A 15 2.74 3.16 3.26
CA LYS A 15 3.65 3.32 2.14
C LYS A 15 3.51 2.16 1.16
N ASP A 16 3.19 0.98 1.68
CA ASP A 16 3.00 -0.18 0.83
C ASP A 16 1.74 0.01 0.01
N LEU A 17 0.77 0.67 0.61
CA LEU A 17 -0.49 0.97 -0.04
C LEU A 17 -0.24 1.68 -1.35
N LYS A 18 0.87 2.42 -1.38
CA LYS A 18 1.25 3.19 -2.55
C LYS A 18 1.32 2.30 -3.79
N GLU A 19 1.95 1.15 -3.63
CA GLU A 19 2.10 0.21 -4.73
C GLU A 19 0.74 -0.23 -5.25
N LYS A 20 -0.16 -0.57 -4.33
CA LYS A 20 -1.50 -1.00 -4.70
C LYS A 20 -2.31 0.19 -5.21
N LYS A 21 -1.97 1.38 -4.72
CA LYS A 21 -2.67 2.58 -5.14
C LYS A 21 -2.29 2.95 -6.57
N GLU A 22 -1.04 2.67 -6.94
CA GLU A 22 -0.57 2.97 -8.29
C GLU A 22 -1.32 2.12 -9.31
N VAL A 23 -1.62 0.88 -8.92
CA VAL A 23 -2.33 -0.03 -9.80
C VAL A 23 -3.69 0.54 -10.19
N VAL A 24 -4.22 1.41 -9.33
CA VAL A 24 -5.52 2.02 -9.59
C VAL A 24 -5.59 2.50 -11.03
N GLU A 25 -4.44 2.65 -11.67
CA GLU A 25 -4.40 3.10 -13.05
C GLU A 25 -5.33 2.25 -13.90
N GLU A 26 -5.39 0.96 -13.60
CA GLU A 26 -6.25 0.06 -14.34
C GLU A 26 -7.69 0.55 -14.30
N ALA A 27 -7.94 1.48 -13.38
CA ALA A 27 -9.28 2.04 -13.23
C ALA A 27 -9.74 2.65 -14.55
N GLU A 28 -8.78 3.05 -15.39
CA GLU A 28 -9.09 3.65 -16.68
C GLU A 28 -9.52 2.57 -17.67
N ASN A 29 -9.07 1.34 -17.43
CA ASN A 29 -9.41 0.22 -18.32
C ASN A 29 -9.25 0.63 -19.77
N SER A 2 1.00 20.34 0.17
CA SER A 2 0.98 19.04 0.81
C SER A 2 2.38 18.46 0.91
N ASP A 3 3.37 19.28 0.58
CA ASP A 3 4.76 18.84 0.64
C ASP A 3 5.07 18.25 2.01
N ALA A 4 4.49 18.86 3.05
CA ALA A 4 4.70 18.38 4.41
C ALA A 4 4.24 16.93 4.56
N ALA A 5 3.25 16.55 3.77
CA ALA A 5 2.73 15.19 3.81
C ALA A 5 3.86 14.18 3.87
N VAL A 6 5.01 14.58 3.33
CA VAL A 6 6.17 13.71 3.32
C VAL A 6 6.56 13.34 4.75
N ASP A 7 6.43 14.32 5.65
CA ASP A 7 6.75 14.07 7.05
C ASP A 7 5.84 12.97 7.58
N THR A 8 4.58 13.02 7.15
CA THR A 8 3.61 12.02 7.55
C THR A 8 4.07 10.66 7.03
N SER A 9 4.69 10.68 5.86
CA SER A 9 5.20 9.45 5.25
C SER A 9 5.92 8.61 6.30
N SER A 10 6.27 9.22 7.42
CA SER A 10 6.96 8.51 8.48
C SER A 10 6.23 7.21 8.79
N GLU A 11 4.93 7.19 8.52
CA GLU A 11 4.13 6.01 8.76
C GLU A 11 4.71 4.81 8.03
N ILE A 12 5.44 5.09 6.95
CA ILE A 12 6.07 4.04 6.15
C ILE A 12 5.01 3.18 5.46
N THR A 13 3.95 2.85 6.18
CA THR A 13 2.88 2.04 5.61
C THR A 13 2.07 2.87 4.63
N THR A 14 2.54 4.08 4.37
CA THR A 14 1.87 4.97 3.44
C THR A 14 2.18 4.56 2.01
N LYS A 15 3.44 4.20 1.77
CA LYS A 15 3.87 3.78 0.44
C LYS A 15 3.38 2.37 0.14
N ASP A 16 3.33 1.53 1.16
CA ASP A 16 2.86 0.16 0.96
C ASP A 16 1.48 0.23 0.32
N LEU A 17 0.70 1.18 0.79
CA LEU A 17 -0.64 1.40 0.27
C LEU A 17 -0.57 1.78 -1.21
N LYS A 18 0.53 2.43 -1.58
CA LYS A 18 0.73 2.86 -2.95
C LYS A 18 0.69 1.68 -3.92
N GLU A 19 1.23 0.55 -3.47
CA GLU A 19 1.26 -0.65 -4.31
C GLU A 19 -0.15 -1.05 -4.73
N LYS A 20 -1.07 -1.07 -3.77
CA LYS A 20 -2.45 -1.44 -4.07
C LYS A 20 -3.14 -0.32 -4.83
N LYS A 21 -2.80 0.92 -4.49
CA LYS A 21 -3.39 2.06 -5.17
C LYS A 21 -2.85 2.18 -6.59
N GLU A 22 -1.61 1.73 -6.78
CA GLU A 22 -0.98 1.79 -8.10
C GLU A 22 -1.72 0.90 -9.08
N VAL A 23 -2.12 -0.29 -8.63
CA VAL A 23 -2.83 -1.22 -9.49
C VAL A 23 -4.13 -0.61 -10.01
N VAL A 24 -4.78 0.19 -9.17
CA VAL A 24 -6.04 0.81 -9.57
C VAL A 24 -5.89 1.64 -10.84
N GLU A 25 -4.69 2.17 -11.06
CA GLU A 25 -4.44 2.99 -12.24
C GLU A 25 -4.93 2.28 -13.49
N GLU A 26 -4.73 0.97 -13.54
CA GLU A 26 -5.17 0.20 -14.70
C GLU A 26 -6.66 0.44 -14.90
N ALA A 27 -7.31 0.86 -13.82
CA ALA A 27 -8.73 1.15 -13.85
C ALA A 27 -9.02 2.40 -14.66
N GLU A 28 -8.11 3.38 -14.55
CA GLU A 28 -8.25 4.63 -15.28
C GLU A 28 -8.41 4.37 -16.77
N ASN A 29 -8.42 3.10 -17.14
CA ASN A 29 -8.56 2.73 -18.55
C ASN A 29 -8.54 1.22 -18.70
N SER A 2 7.04 -5.66 24.72
CA SER A 2 7.52 -5.10 23.46
C SER A 2 7.32 -6.11 22.34
N ASP A 3 7.44 -7.40 22.66
CA ASP A 3 7.28 -8.45 21.66
C ASP A 3 5.90 -8.39 21.04
N ALA A 4 4.90 -8.05 21.85
CA ALA A 4 3.53 -7.97 21.36
C ALA A 4 3.40 -6.93 20.24
N ALA A 5 4.30 -5.96 20.23
CA ALA A 5 4.28 -4.92 19.21
C ALA A 5 4.20 -5.52 17.82
N VAL A 6 4.46 -6.81 17.72
CA VAL A 6 4.41 -7.50 16.44
C VAL A 6 3.03 -7.38 15.82
N ASP A 7 2.00 -7.49 16.65
CA ASP A 7 0.64 -7.37 16.17
C ASP A 7 0.44 -6.00 15.55
N THR A 8 1.00 -4.99 16.21
CA THR A 8 0.93 -3.63 15.72
C THR A 8 1.67 -3.51 14.39
N SER A 9 2.68 -4.35 14.22
CA SER A 9 3.49 -4.34 13.00
C SER A 9 2.60 -4.34 11.76
N SER A 10 1.49 -5.06 11.82
CA SER A 10 0.58 -5.13 10.69
C SER A 10 0.25 -3.74 10.17
N GLU A 11 0.24 -2.76 11.07
CA GLU A 11 -0.06 -1.38 10.70
C GLU A 11 0.97 -0.86 9.70
N ILE A 12 2.16 -1.44 9.71
CA ILE A 12 3.21 -1.03 8.78
C ILE A 12 2.81 -1.31 7.35
N THR A 13 2.09 -0.36 6.74
CA THR A 13 1.64 -0.50 5.36
C THR A 13 1.10 0.82 4.84
N THR A 14 1.71 1.93 5.26
CA THR A 14 1.27 3.25 4.83
C THR A 14 1.80 3.55 3.43
N LYS A 15 3.10 3.41 3.25
CA LYS A 15 3.72 3.67 1.96
C LYS A 15 3.37 2.56 0.97
N ASP A 16 3.21 1.35 1.49
CA ASP A 16 2.87 0.21 0.66
C ASP A 16 1.53 0.46 -0.03
N LEU A 17 0.66 1.17 0.65
CA LEU A 17 -0.65 1.48 0.12
C LEU A 17 -0.49 2.15 -1.25
N LYS A 18 0.62 2.84 -1.42
CA LYS A 18 0.90 3.53 -2.68
C LYS A 18 1.15 2.53 -3.81
N GLU A 19 1.78 1.42 -3.47
CA GLU A 19 2.07 0.38 -4.46
C GLU A 19 0.78 -0.26 -4.93
N LYS A 20 -0.18 -0.39 -4.02
CA LYS A 20 -1.47 -0.98 -4.36
C LYS A 20 -2.28 -0.01 -5.21
N LYS A 21 -2.26 1.25 -4.82
CA LYS A 21 -3.00 2.28 -5.56
C LYS A 21 -2.51 2.33 -7.01
N GLU A 22 -1.22 2.05 -7.20
CA GLU A 22 -0.63 2.06 -8.53
C GLU A 22 -1.40 1.14 -9.47
N VAL A 23 -1.71 -0.07 -9.00
CA VAL A 23 -2.44 -1.04 -9.81
C VAL A 23 -3.80 -0.50 -10.22
N VAL A 24 -4.42 0.29 -9.35
CA VAL A 24 -5.73 0.85 -9.62
C VAL A 24 -5.72 1.68 -10.91
N GLU A 25 -4.56 2.16 -11.31
CA GLU A 25 -4.44 2.96 -12.52
C GLU A 25 -5.17 2.27 -13.68
N GLU A 26 -5.08 0.94 -13.72
CA GLU A 26 -5.74 0.18 -14.77
C GLU A 26 -7.23 0.49 -14.79
N ALA A 27 -7.70 1.12 -13.71
CA ALA A 27 -9.12 1.47 -13.61
C ALA A 27 -9.48 2.54 -14.64
N GLU A 28 -8.45 3.23 -15.13
CA GLU A 28 -8.67 4.28 -16.13
C GLU A 28 -9.23 3.68 -17.42
N ASN A 29 -9.37 2.35 -17.44
CA ASN A 29 -9.89 1.67 -18.62
C ASN A 29 -10.66 0.42 -18.21
N SER A 2 -7.17 -13.13 1.12
CA SER A 2 -6.69 -12.14 0.16
C SER A 2 -7.08 -10.73 0.62
N ASP A 3 -8.25 -10.28 0.21
CA ASP A 3 -8.72 -8.95 0.59
C ASP A 3 -8.54 -8.75 2.09
N ALA A 4 -8.67 -9.83 2.84
CA ALA A 4 -8.52 -9.76 4.28
C ALA A 4 -7.17 -9.15 4.64
N ALA A 5 -6.21 -9.29 3.74
CA ALA A 5 -4.88 -8.73 3.97
C ALA A 5 -4.98 -7.28 4.41
N VAL A 6 -6.06 -6.62 4.01
CA VAL A 6 -6.26 -5.22 4.36
C VAL A 6 -6.31 -5.08 5.87
N ASP A 7 -6.91 -6.06 6.54
CA ASP A 7 -6.98 -6.01 7.99
C ASP A 7 -5.57 -6.00 8.54
N THR A 8 -4.69 -6.77 7.89
CA THR A 8 -3.30 -6.84 8.28
C THR A 8 -2.65 -5.48 8.12
N SER A 9 -3.05 -4.75 7.07
CA SER A 9 -2.48 -3.43 6.81
C SER A 9 -2.65 -2.51 8.02
N SER A 10 -3.62 -2.82 8.86
CA SER A 10 -3.88 -2.01 10.05
C SER A 10 -2.58 -1.78 10.83
N GLU A 11 -1.62 -2.67 10.66
CA GLU A 11 -0.34 -2.55 11.35
C GLU A 11 0.45 -1.37 10.81
N ILE A 12 0.45 -1.22 9.50
CA ILE A 12 1.18 -0.12 8.87
C ILE A 12 0.96 -0.13 7.35
N THR A 13 2.00 -0.47 6.61
CA THR A 13 1.91 -0.51 5.15
C THR A 13 1.42 0.83 4.61
N THR A 14 1.98 1.91 5.15
CA THR A 14 1.60 3.25 4.72
C THR A 14 2.08 3.50 3.29
N LYS A 15 3.38 3.34 3.07
CA LYS A 15 3.95 3.54 1.75
C LYS A 15 3.54 2.41 0.82
N ASP A 16 3.36 1.23 1.39
CA ASP A 16 2.96 0.06 0.62
C ASP A 16 1.60 0.32 -0.02
N LEU A 17 0.76 1.05 0.70
CA LEU A 17 -0.57 1.37 0.21
C LEU A 17 -0.46 2.02 -1.17
N LYS A 18 0.67 2.70 -1.38
CA LYS A 18 0.90 3.37 -2.66
C LYS A 18 1.02 2.34 -3.78
N GLU A 19 1.78 1.28 -3.52
CA GLU A 19 1.96 0.23 -4.52
C GLU A 19 0.61 -0.32 -4.96
N LYS A 20 -0.26 -0.56 -3.99
CA LYS A 20 -1.59 -1.08 -4.29
C LYS A 20 -2.44 0.01 -4.93
N LYS A 21 -2.14 1.26 -4.61
CA LYS A 21 -2.87 2.39 -5.17
C LYS A 21 -2.53 2.56 -6.65
N GLU A 22 -1.32 2.17 -7.03
CA GLU A 22 -0.89 2.30 -8.41
C GLU A 22 -1.73 1.40 -9.31
N VAL A 23 -2.14 0.25 -8.78
CA VAL A 23 -2.95 -0.68 -9.56
C VAL A 23 -4.25 -0.04 -10.01
N VAL A 24 -4.71 0.96 -9.24
CA VAL A 24 -5.94 1.65 -9.59
C VAL A 24 -5.88 2.16 -11.02
N GLU A 25 -4.67 2.23 -11.56
CA GLU A 25 -4.50 2.69 -12.94
C GLU A 25 -5.43 1.91 -13.85
N GLU A 26 -5.60 0.63 -13.55
CA GLU A 26 -6.49 -0.22 -14.32
C GLU A 26 -7.85 0.45 -14.46
N ALA A 27 -8.11 1.43 -13.58
CA ALA A 27 -9.37 2.15 -13.61
C ALA A 27 -9.47 2.98 -14.89
N GLU A 28 -8.31 3.38 -15.43
CA GLU A 28 -8.29 4.17 -16.64
C GLU A 28 -8.50 3.30 -17.87
N ASN A 29 -8.66 1.99 -17.64
CA ASN A 29 -8.87 1.06 -18.74
C ASN A 29 -9.61 1.74 -19.88
N SER A 2 9.19 -16.35 3.58
CA SER A 2 8.33 -15.18 3.44
C SER A 2 8.02 -14.58 4.81
N ASP A 3 7.83 -15.43 5.79
CA ASP A 3 7.52 -14.99 7.14
C ASP A 3 8.51 -13.91 7.59
N ALA A 4 9.77 -14.07 7.19
CA ALA A 4 10.81 -13.11 7.55
C ALA A 4 10.47 -11.72 7.03
N ALA A 5 9.58 -11.66 6.06
CA ALA A 5 9.18 -10.37 5.48
C ALA A 5 8.79 -9.37 6.56
N VAL A 6 8.45 -9.88 7.74
CA VAL A 6 8.05 -9.04 8.85
C VAL A 6 9.18 -8.08 9.20
N ASP A 7 10.41 -8.56 9.12
CA ASP A 7 11.56 -7.71 9.41
C ASP A 7 11.57 -6.55 8.44
N THR A 8 11.21 -6.85 7.19
CA THR A 8 11.13 -5.83 6.16
C THR A 8 10.10 -4.79 6.54
N SER A 9 9.01 -5.25 7.16
CA SER A 9 7.95 -4.34 7.57
C SER A 9 8.54 -3.06 8.17
N SER A 10 9.76 -3.18 8.66
CA SER A 10 10.44 -2.02 9.25
C SER A 10 10.47 -0.86 8.27
N GLU A 11 10.59 -1.19 6.98
CA GLU A 11 10.62 -0.17 5.94
C GLU A 11 9.34 0.66 5.97
N ILE A 12 8.32 0.14 6.64
CA ILE A 12 7.02 0.81 6.76
C ILE A 12 6.07 0.33 5.68
N THR A 13 4.78 0.32 6.00
CA THR A 13 3.77 -0.12 5.05
C THR A 13 3.00 1.07 4.50
N THR A 14 3.46 2.27 4.82
CA THR A 14 2.80 3.49 4.35
C THR A 14 2.96 3.63 2.84
N LYS A 15 4.21 3.64 2.37
CA LYS A 15 4.47 3.76 0.95
C LYS A 15 3.98 2.51 0.22
N ASP A 16 4.09 1.37 0.88
CA ASP A 16 3.65 0.12 0.30
C ASP A 16 2.16 0.19 0.00
N LEU A 17 1.44 0.91 0.86
CA LEU A 17 0.01 1.08 0.67
C LEU A 17 -0.23 1.63 -0.72
N LYS A 18 0.75 2.38 -1.21
CA LYS A 18 0.68 2.97 -2.54
C LYS A 18 0.41 1.89 -3.58
N GLU A 19 0.93 0.69 -3.34
CA GLU A 19 0.75 -0.42 -4.26
C GLU A 19 -0.74 -0.62 -4.52
N LYS A 20 -1.54 -0.46 -3.47
CA LYS A 20 -2.98 -0.61 -3.60
C LYS A 20 -3.54 0.50 -4.48
N LYS A 21 -2.93 1.68 -4.38
CA LYS A 21 -3.35 2.82 -5.19
C LYS A 21 -2.99 2.58 -6.64
N GLU A 22 -1.83 1.95 -6.85
CA GLU A 22 -1.36 1.65 -8.19
C GLU A 22 -2.43 0.85 -8.95
N VAL A 23 -3.15 0.01 -8.22
CA VAL A 23 -4.19 -0.81 -8.84
C VAL A 23 -5.21 0.09 -9.53
N VAL A 24 -5.46 1.26 -8.96
CA VAL A 24 -6.42 2.20 -9.54
C VAL A 24 -6.00 2.59 -10.95
N GLU A 25 -4.72 2.41 -11.25
CA GLU A 25 -4.20 2.75 -12.58
C GLU A 25 -5.00 2.04 -13.65
N GLU A 26 -5.39 0.80 -13.37
CA GLU A 26 -6.16 0.02 -14.32
C GLU A 26 -7.45 0.75 -14.66
N ALA A 27 -7.77 1.75 -13.84
CA ALA A 27 -8.99 2.53 -14.05
C ALA A 27 -8.98 3.16 -15.44
N GLU A 28 -7.79 3.45 -15.96
CA GLU A 28 -7.66 4.05 -17.27
C GLU A 28 -7.99 3.03 -18.36
N ASN A 29 -7.71 1.76 -18.07
CA ASN A 29 -7.98 0.68 -19.03
C ASN A 29 -7.39 1.04 -20.40
N SER A 2 22.81 7.78 7.46
CA SER A 2 22.80 6.96 6.26
C SER A 2 22.27 5.56 6.55
N ASP A 3 23.18 4.65 6.89
CA ASP A 3 22.79 3.28 7.19
C ASP A 3 21.67 3.26 8.21
N ALA A 4 21.69 4.21 9.13
CA ALA A 4 20.67 4.28 10.17
C ALA A 4 19.28 4.45 9.54
N ALA A 5 19.25 4.88 8.27
CA ALA A 5 18.00 5.07 7.56
C ALA A 5 17.07 3.89 7.81
N VAL A 6 17.66 2.72 8.04
CA VAL A 6 16.90 1.52 8.29
C VAL A 6 15.75 1.83 9.23
N ASP A 7 15.97 2.77 10.15
CA ASP A 7 14.93 3.17 11.08
C ASP A 7 13.73 3.62 10.28
N THR A 8 14.00 4.35 9.20
CA THR A 8 12.95 4.83 8.32
C THR A 8 12.23 3.63 7.71
N SER A 9 13.01 2.59 7.41
CA SER A 9 12.45 1.37 6.82
C SER A 9 11.37 0.77 7.72
N SER A 10 11.38 1.17 8.99
CA SER A 10 10.40 0.65 9.94
C SER A 10 8.98 1.10 9.56
N GLU A 11 8.88 2.25 8.93
CA GLU A 11 7.58 2.77 8.53
C GLU A 11 6.97 1.93 7.41
N ILE A 12 7.83 1.42 6.54
CA ILE A 12 7.40 0.59 5.42
C ILE A 12 6.01 0.02 5.64
N THR A 13 4.99 0.84 5.42
CA THR A 13 3.61 0.42 5.59
C THR A 13 2.68 1.33 4.83
N THR A 14 2.84 2.63 5.04
CA THR A 14 2.03 3.61 4.35
C THR A 14 2.50 3.70 2.90
N LYS A 15 3.78 3.41 2.70
CA LYS A 15 4.36 3.42 1.37
C LYS A 15 3.89 2.21 0.58
N ASP A 16 3.88 1.06 1.25
CA ASP A 16 3.43 -0.16 0.62
C ASP A 16 2.01 0.04 0.11
N LEU A 17 1.24 0.76 0.89
CA LEU A 17 -0.14 1.07 0.54
C LEU A 17 -0.19 1.69 -0.85
N LYS A 18 0.88 2.39 -1.20
CA LYS A 18 0.96 3.05 -2.50
C LYS A 18 0.83 2.03 -3.63
N GLU A 19 1.40 0.85 -3.42
CA GLU A 19 1.34 -0.21 -4.43
C GLU A 19 -0.11 -0.54 -4.78
N LYS A 20 -0.96 -0.59 -3.76
CA LYS A 20 -2.37 -0.90 -3.98
C LYS A 20 -3.05 0.23 -4.73
N LYS A 21 -2.76 1.46 -4.32
CA LYS A 21 -3.35 2.63 -4.98
C LYS A 21 -2.91 2.68 -6.44
N GLU A 22 -1.72 2.16 -6.71
CA GLU A 22 -1.20 2.15 -8.07
C GLU A 22 -2.14 1.37 -9.00
N VAL A 23 -2.76 0.33 -8.46
CA VAL A 23 -3.67 -0.49 -9.26
C VAL A 23 -4.80 0.36 -9.82
N VAL A 24 -5.12 1.46 -9.13
CA VAL A 24 -6.18 2.35 -9.58
C VAL A 24 -5.92 2.80 -11.02
N GLU A 25 -4.65 2.95 -11.38
CA GLU A 25 -4.30 3.37 -12.72
C GLU A 25 -4.97 2.46 -13.73
N GLU A 26 -5.06 1.18 -13.40
CA GLU A 26 -5.68 0.22 -14.28
C GLU A 26 -7.09 0.69 -14.64
N ALA A 27 -7.60 1.63 -13.84
CA ALA A 27 -8.93 2.16 -14.06
C ALA A 27 -9.08 2.65 -15.51
N GLU A 28 -7.99 3.18 -16.06
CA GLU A 28 -8.01 3.68 -17.43
C GLU A 28 -8.64 2.64 -18.36
N ASN A 29 -8.68 1.39 -17.92
CA ASN A 29 -9.25 0.33 -18.72
C ASN A 29 -10.25 -0.49 -17.90
#